data_9MIY
#
_entry.id   9MIY
#
_cell.length_a   1.00
_cell.length_b   1.00
_cell.length_c   1.00
_cell.angle_alpha   90.00
_cell.angle_beta   90.00
_cell.angle_gamma   90.00
#
_symmetry.space_group_name_H-M   'P 1'
#
loop_
_entity.id
_entity.type
_entity.pdbx_description
1 polymer 'Pre-glycoprotein polyprotein GP complex'
2 polymer 'Glycoprotein G2'
#
loop_
_entity_poly.entity_id
_entity_poly.type
_entity_poly.pdbx_seq_one_letter_code
_entity_poly.pdbx_strand_id
1 'polypeptide(L)' MGQIVTFFQEVPHVIEEVMNIVLIALSVLAVLKGLYNFATCGLVGLVTFLLLCGRSCT A,B,C
2 'polypeptide(L)'
;GTFTWTLSDSEGKDTPGGYCLTRWMLIEAELKCFGNTAVAKCNEKHDEEFCDMLRLFDFNKQAIQRLKAEAQMSIQLINK
AVNALINDQLIMKNHLRDIMGIPYCNYSKYWYLNHTTTGRTSLPKCWLVSNGSYLNETHFSDDIEQQADNMITEMLQKEY
MERQGKTPLGLVDLFVFSTSFYLISIFLHLVKIPTHRHIVGKSCPKPHRLNHMGICSCGLYKQPGVPVKWKR
;
b,a,c
#
# COMPACT_ATOMS: atom_id res chain seq x y z
N GLY A 2 -8.63 -10.51 13.44
CA GLY A 2 -8.29 -10.82 14.83
C GLY A 2 -8.23 -9.59 15.71
N GLN A 3 -7.22 -8.75 15.48
CA GLN A 3 -7.05 -7.52 16.24
C GLN A 3 -7.96 -6.40 15.76
N ILE A 4 -8.67 -6.61 14.65
CA ILE A 4 -9.58 -5.59 14.13
C ILE A 4 -10.67 -5.27 15.15
N VAL A 5 -11.23 -6.30 15.80
CA VAL A 5 -12.23 -6.07 16.84
C VAL A 5 -11.66 -5.26 18.00
N THR A 6 -10.37 -5.42 18.30
CA THR A 6 -9.74 -4.56 19.31
C THR A 6 -9.82 -3.10 18.90
N PHE A 7 -9.50 -2.81 17.63
CA PHE A 7 -9.71 -1.46 17.12
C PHE A 7 -11.17 -1.04 17.19
N PHE A 8 -12.10 -1.98 16.98
CA PHE A 8 -13.52 -1.67 17.06
C PHE A 8 -14.01 -1.48 18.48
N GLN A 9 -13.19 -1.80 19.49
CA GLN A 9 -13.52 -1.51 20.87
C GLN A 9 -12.71 -0.36 21.44
N GLU A 10 -11.69 0.11 20.72
CA GLU A 10 -10.90 1.28 21.10
C GLU A 10 -11.33 2.55 20.39
N VAL A 11 -12.43 2.49 19.62
CA VAL A 11 -12.83 3.65 18.82
C VAL A 11 -13.02 4.91 19.65
N PRO A 12 -13.73 4.90 20.79
CA PRO A 12 -13.85 6.13 21.57
C PRO A 12 -12.54 6.67 22.11
N HIS A 13 -11.50 5.85 22.17
CA HIS A 13 -10.23 6.26 22.77
C HIS A 13 -9.18 6.68 21.75
N VAL A 14 -9.43 6.51 20.44
CA VAL A 14 -8.45 6.81 19.42
C VAL A 14 -9.01 7.69 18.31
N ILE A 15 -10.30 8.00 18.32
CA ILE A 15 -10.91 8.82 17.28
C ILE A 15 -10.42 10.25 17.28
N GLU A 16 -9.74 10.70 18.33
CA GLU A 16 -9.30 12.08 18.40
C GLU A 16 -7.98 12.34 17.70
N GLU A 17 -7.26 11.30 17.28
CA GLU A 17 -6.01 11.47 16.55
C GLU A 17 -6.31 11.63 15.07
N VAL A 18 -5.68 12.64 14.45
CA VAL A 18 -5.93 12.94 13.04
C VAL A 18 -5.45 11.81 12.13
N MET A 19 -4.34 11.16 12.49
CA MET A 19 -3.84 10.05 11.69
C MET A 19 -4.85 8.90 11.66
N ASN A 20 -5.50 8.62 12.79
CA ASN A 20 -6.52 7.58 12.83
C ASN A 20 -7.72 7.94 11.97
N ILE A 21 -8.14 9.21 11.99
CA ILE A 21 -9.24 9.65 11.15
C ILE A 21 -8.88 9.48 9.68
N VAL A 22 -7.66 9.87 9.30
CA VAL A 22 -7.22 9.73 7.92
C VAL A 22 -7.21 8.26 7.51
N LEU A 23 -6.70 7.39 8.37
CA LEU A 23 -6.65 5.96 8.05
C LEU A 23 -8.04 5.38 7.88
N ILE A 24 -8.97 5.73 8.77
CA ILE A 24 -10.33 5.20 8.68
C ILE A 24 -11.01 5.71 7.42
N ALA A 25 -10.85 7.00 7.11
CA ALA A 25 -11.47 7.53 5.90
C ALA A 25 -10.89 6.89 4.66
N LEU A 26 -9.56 6.68 4.62
CA LEU A 26 -8.95 6.02 3.48
C LEU A 26 -9.44 4.59 3.33
N SER A 27 -9.57 3.86 4.43
CA SER A 27 -10.07 2.48 4.35
C SER A 27 -11.50 2.44 3.85
N VAL A 28 -12.37 3.31 4.36
CA VAL A 28 -13.76 3.31 3.91
C VAL A 28 -13.83 3.68 2.43
N LEU A 29 -13.03 4.67 2.02
CA LEU A 29 -13.03 5.10 0.63
C LEU A 29 -12.57 3.97 -0.26
N ALA A 30 -11.49 3.28 0.13
CA ALA A 30 -10.97 2.16 -0.64
C ALA A 30 -12.03 1.09 -0.79
N VAL A 31 -12.66 0.68 0.31
CA VAL A 31 -13.68 -0.36 0.26
C VAL A 31 -14.80 0.05 -0.69
N LEU A 32 -15.21 1.32 -0.63
CA LEU A 32 -16.31 1.78 -1.46
C LEU A 32 -15.89 1.76 -2.93
N LYS A 33 -14.70 2.28 -3.24
CA LYS A 33 -14.23 2.31 -4.61
C LYS A 33 -14.12 0.89 -5.15
N GLY A 34 -13.66 -0.04 -4.32
CA GLY A 34 -13.54 -1.42 -4.76
C GLY A 34 -14.88 -2.04 -5.06
N LEU A 35 -15.87 -1.78 -4.20
CA LEU A 35 -17.22 -2.29 -4.47
C LEU A 35 -17.81 -1.64 -5.72
N TYR A 36 -17.47 -0.37 -5.97
CA TYR A 36 -17.94 0.29 -7.18
C TYR A 36 -17.34 -0.38 -8.41
N ASN A 37 -16.04 -0.67 -8.36
CA ASN A 37 -15.40 -1.37 -9.47
C ASN A 37 -16.04 -2.74 -9.66
N PHE A 38 -16.14 -3.51 -8.58
CA PHE A 38 -16.69 -4.86 -8.69
C PHE A 38 -18.11 -4.83 -9.22
N ALA A 39 -18.85 -3.76 -8.94
CA ALA A 39 -20.21 -3.66 -9.44
C ALA A 39 -20.21 -3.42 -10.95
N THR A 40 -19.26 -2.62 -11.43
CA THR A 40 -19.21 -2.24 -12.84
C THR A 40 -17.92 -2.69 -13.51
N CYS A 41 -17.60 -3.97 -13.39
CA CYS A 41 -16.42 -4.59 -13.99
C CYS A 41 -16.75 -5.66 -15.00
N GLY A 42 -18.02 -6.03 -15.12
CA GLY A 42 -18.43 -7.12 -15.96
C GLY A 42 -18.50 -8.44 -15.21
N LEU A 43 -17.98 -8.47 -13.99
CA LEU A 43 -18.02 -9.70 -13.18
C LEU A 43 -19.46 -10.12 -12.97
N VAL A 44 -20.32 -9.16 -12.62
CA VAL A 44 -21.74 -9.46 -12.43
C VAL A 44 -22.32 -9.98 -13.73
N GLY A 45 -21.93 -9.37 -14.85
CA GLY A 45 -22.40 -9.85 -16.14
C GLY A 45 -21.98 -11.28 -16.38
N LEU A 46 -20.74 -11.61 -16.01
CA LEU A 46 -20.27 -13.00 -16.11
C LEU A 46 -21.18 -13.92 -15.30
N VAL A 47 -21.46 -13.52 -14.06
CA VAL A 47 -22.28 -14.35 -13.17
C VAL A 47 -23.64 -14.60 -13.83
N THR A 48 -24.26 -13.52 -14.33
CA THR A 48 -25.57 -13.66 -14.96
C THR A 48 -25.49 -14.57 -16.18
N PHE A 49 -24.46 -14.38 -17.02
CA PHE A 49 -24.29 -15.22 -18.19
C PHE A 49 -24.22 -16.68 -17.79
N LEU A 50 -23.46 -16.97 -16.72
CA LEU A 50 -23.35 -18.33 -16.21
C LEU A 50 -24.73 -18.86 -15.82
N LEU A 51 -25.47 -18.10 -15.03
CA LEU A 51 -26.81 -18.53 -14.63
C LEU A 51 -27.69 -18.78 -15.85
N LEU A 52 -27.54 -17.93 -16.87
CA LEU A 52 -28.28 -18.09 -18.12
C LEU A 52 -27.98 -19.44 -18.76
N CYS A 53 -26.69 -19.79 -18.82
CA CYS A 53 -26.30 -21.08 -19.36
C CYS A 53 -26.85 -22.22 -18.53
N GLY A 54 -26.87 -22.06 -17.21
CA GLY A 54 -27.37 -23.08 -16.32
C GLY A 54 -26.99 -22.88 -14.87
N ASP B 149 25.82 7.48 17.84
CA ASP B 149 24.93 6.89 16.85
C ASP B 149 23.72 6.29 17.51
N ASN B 150 23.73 6.27 18.85
CA ASN B 150 22.59 5.80 19.61
C ASN B 150 21.52 6.87 19.80
N MET B 151 21.88 8.14 19.69
CA MET B 151 20.88 9.20 19.78
C MET B 151 19.93 9.14 18.60
N ILE B 152 20.45 8.94 17.40
CA ILE B 152 19.60 8.87 16.22
C ILE B 152 18.62 7.70 16.33
N THR B 153 19.15 6.52 16.68
CA THR B 153 18.30 5.35 16.78
C THR B 153 17.27 5.50 17.90
N GLU B 154 17.67 6.07 19.03
CA GLU B 154 16.73 6.26 20.13
C GLU B 154 15.61 7.20 19.73
N MET B 155 15.94 8.28 19.02
CA MET B 155 14.92 9.23 18.58
C MET B 155 13.93 8.57 17.62
N LEU B 156 14.45 7.82 16.65
CA LEU B 156 13.57 7.17 15.69
C LEU B 156 12.69 6.12 16.37
N GLN B 157 13.26 5.32 17.26
CA GLN B 157 12.47 4.33 17.99
C GLN B 157 11.44 5.00 18.89
N LYS B 158 11.77 6.16 19.45
CA LYS B 158 10.82 6.88 20.29
C LYS B 158 9.61 7.31 19.49
N GLU B 159 9.82 7.83 18.29
CA GLU B 159 8.68 8.23 17.47
C GLU B 159 7.84 7.03 17.03
N TYR B 160 8.51 5.91 16.74
CA TYR B 160 7.76 4.67 16.44
C TYR B 160 6.91 4.22 17.62
N MET B 161 7.48 4.23 18.82
CA MET B 161 6.76 3.79 20.00
C MET B 161 5.62 4.75 20.35
N GLU B 162 5.79 6.04 20.10
CA GLU B 162 4.70 6.98 20.26
C GLU B 162 3.57 6.69 19.29
N ARG B 163 3.91 6.36 18.04
CA ARG B 163 2.88 6.04 17.07
C ARG B 163 2.12 4.77 17.46
N GLN B 164 2.83 3.78 17.99
CA GLN B 164 2.18 2.52 18.29
C GLN B 164 1.24 2.61 19.49
N GLY B 165 1.39 3.61 20.35
CA GLY B 165 0.46 3.84 21.44
C GLY B 165 -0.76 4.65 21.09
N LYS B 166 -0.83 5.18 19.88
CA LYS B 166 -1.96 5.99 19.43
C LYS B 166 -2.76 5.33 18.33
N THR B 167 -2.10 4.80 17.31
CA THR B 167 -2.78 4.13 16.22
C THR B 167 -2.91 2.65 16.53
N PRO B 168 -4.12 2.11 16.64
CA PRO B 168 -4.25 0.67 16.87
C PRO B 168 -3.78 -0.14 15.67
N LEU B 169 -3.19 -1.29 15.97
CA LEU B 169 -2.71 -2.18 14.90
C LEU B 169 -3.85 -2.77 14.09
N GLY B 170 -5.04 -2.90 14.70
CA GLY B 170 -6.19 -3.35 13.94
C GLY B 170 -6.56 -2.39 12.84
N LEU B 171 -6.39 -1.09 13.08
CA LEU B 171 -6.64 -0.09 12.04
C LEU B 171 -5.63 -0.22 10.90
N VAL B 172 -4.36 -0.48 11.22
CA VAL B 172 -3.37 -0.70 10.18
C VAL B 172 -3.72 -1.93 9.36
N ASP B 173 -4.16 -3.01 10.03
CA ASP B 173 -4.59 -4.21 9.33
C ASP B 173 -5.76 -3.92 8.40
N LEU B 174 -6.75 -3.16 8.90
CA LEU B 174 -7.92 -2.84 8.09
C LEU B 174 -7.53 -2.01 6.88
N PHE B 175 -6.64 -1.03 7.06
CA PHE B 175 -6.19 -0.22 5.94
C PHE B 175 -5.48 -1.06 4.89
N VAL B 176 -4.58 -1.95 5.34
CA VAL B 176 -3.84 -2.80 4.40
C VAL B 176 -4.79 -3.70 3.62
N PHE B 177 -5.74 -4.32 4.32
CA PHE B 177 -6.67 -5.23 3.67
C PHE B 177 -7.59 -4.49 2.70
N SER B 178 -8.04 -3.28 3.07
CA SER B 178 -8.88 -2.51 2.16
C SER B 178 -8.12 -2.09 0.92
N THR B 179 -6.85 -1.69 1.07
CA THR B 179 -6.06 -1.33 -0.09
C THR B 179 -5.83 -2.54 -1.00
N SER B 180 -5.59 -3.71 -0.41
CA SER B 180 -5.43 -4.92 -1.20
C SER B 180 -6.72 -5.25 -1.96
N PHE B 181 -7.87 -5.10 -1.30
CA PHE B 181 -9.15 -5.33 -1.95
C PHE B 181 -9.35 -4.38 -3.13
N TYR B 182 -9.02 -3.10 -2.93
CA TYR B 182 -9.14 -2.13 -4.01
C TYR B 182 -8.17 -2.46 -5.16
N LEU B 183 -6.96 -2.90 -4.84
CA LEU B 183 -6.01 -3.29 -5.88
C LEU B 183 -6.52 -4.46 -6.70
N ILE B 184 -7.12 -5.45 -6.03
CA ILE B 184 -7.69 -6.59 -6.74
C ILE B 184 -8.81 -6.14 -7.66
N SER B 185 -9.68 -5.24 -7.18
CA SER B 185 -10.74 -4.73 -8.04
C SER B 185 -10.18 -3.96 -9.23
N ILE B 186 -9.08 -3.22 -9.01
CA ILE B 186 -8.43 -2.51 -10.10
C ILE B 186 -7.94 -3.48 -11.17
N PHE B 187 -7.30 -4.57 -10.72
CA PHE B 187 -6.83 -5.56 -11.69
C PHE B 187 -7.99 -6.16 -12.47
N LEU B 188 -9.09 -6.47 -11.78
CA LEU B 188 -10.23 -7.03 -12.49
C LEU B 188 -10.86 -6.02 -13.44
N HIS B 189 -10.74 -4.73 -13.15
CA HIS B 189 -11.24 -3.71 -14.08
C HIS B 189 -10.28 -3.46 -15.22
N LEU B 190 -9.03 -3.90 -15.10
CA LEU B 190 -8.09 -3.77 -16.20
C LEU B 190 -8.07 -5.00 -17.11
N VAL B 191 -8.32 -6.19 -16.54
CA VAL B 191 -8.28 -7.41 -17.33
C VAL B 191 -9.39 -7.46 -18.37
N LYS B 192 -10.46 -6.67 -18.20
CA LYS B 192 -11.54 -6.56 -19.17
C LYS B 192 -12.20 -7.92 -19.43
N ILE B 193 -12.86 -8.42 -18.38
CA ILE B 193 -13.56 -9.70 -18.46
C ILE B 193 -14.91 -9.51 -19.14
N PRO B 194 -15.13 -10.12 -20.30
CA PRO B 194 -16.45 -10.06 -20.93
C PRO B 194 -17.32 -11.26 -20.60
N THR B 195 -18.63 -11.13 -20.87
CA THR B 195 -19.53 -12.25 -20.62
C THR B 195 -19.24 -13.44 -21.52
N HIS B 196 -18.71 -13.19 -22.71
CA HIS B 196 -18.36 -14.21 -23.70
C HIS B 196 -19.39 -15.33 -23.83
N ASP C 149 -4.54 5.91 31.22
CA ASP C 149 -3.97 6.66 30.10
C ASP C 149 -2.77 5.94 29.54
N ASN C 150 -1.87 5.49 30.42
CA ASN C 150 -0.79 4.64 29.98
C ASN C 150 -1.25 3.20 29.74
N MET C 151 -2.40 2.81 30.29
CA MET C 151 -2.95 1.49 30.00
C MET C 151 -3.29 1.35 28.53
N ILE C 152 -3.88 2.39 27.93
CA ILE C 152 -4.27 2.33 26.54
C ILE C 152 -3.05 2.20 25.64
N THR C 153 -2.03 3.03 25.88
CA THR C 153 -0.82 2.94 25.08
C THR C 153 -0.14 1.61 25.27
N GLU C 154 -0.13 1.08 26.49
CA GLU C 154 0.51 -0.20 26.76
C GLU C 154 -0.20 -1.33 26.03
N MET C 155 -1.53 -1.33 26.00
CA MET C 155 -2.23 -2.42 25.31
C MET C 155 -2.02 -2.33 23.79
N LEU C 156 -2.06 -1.12 23.22
CA LEU C 156 -1.78 -0.97 21.80
C LEU C 156 -0.37 -1.41 21.46
N GLN C 157 0.60 -1.01 22.28
CA GLN C 157 1.99 -1.41 22.07
C GLN C 157 2.18 -2.91 22.25
N LYS C 158 1.41 -3.54 23.15
CA LYS C 158 1.50 -4.98 23.32
C LYS C 158 1.01 -5.71 22.08
N GLU C 159 -0.07 -5.21 21.47
CA GLU C 159 -0.51 -5.79 20.22
C GLU C 159 0.56 -5.68 19.14
N TYR C 160 1.19 -4.51 19.05
CA TYR C 160 2.27 -4.34 18.08
C TYR C 160 3.44 -5.29 18.35
N MET C 161 3.79 -5.45 19.62
CA MET C 161 4.89 -6.35 19.98
C MET C 161 4.57 -7.80 19.63
N GLU C 162 3.34 -8.24 19.87
CA GLU C 162 2.95 -9.60 19.50
C GLU C 162 3.02 -9.80 17.99
N ARG C 163 2.55 -8.81 17.23
CA ARG C 163 2.63 -8.93 15.78
C ARG C 163 4.08 -8.99 15.31
N GLN C 164 4.95 -8.19 15.91
CA GLN C 164 6.36 -8.23 15.53
C GLN C 164 7.00 -9.56 15.92
N GLY C 165 6.52 -10.20 16.99
CA GLY C 165 7.03 -11.51 17.34
C GLY C 165 6.55 -12.62 16.40
N LYS C 166 5.39 -12.45 15.79
CA LYS C 166 4.84 -13.49 14.92
C LYS C 166 5.10 -13.27 13.43
N THR C 167 5.06 -12.03 12.95
CA THR C 167 5.23 -11.76 11.53
C THR C 167 6.64 -11.27 11.27
N PRO C 168 7.41 -11.89 10.38
CA PRO C 168 8.76 -11.39 10.09
C PRO C 168 8.74 -10.11 9.27
N LEU C 169 9.78 -9.30 9.46
CA LEU C 169 9.90 -8.03 8.76
C LEU C 169 10.21 -8.22 7.29
N GLY C 170 10.90 -9.30 6.94
CA GLY C 170 11.13 -9.60 5.54
C GLY C 170 9.83 -9.83 4.79
N LEU C 171 8.85 -10.43 5.44
CA LEU C 171 7.56 -10.66 4.81
C LEU C 171 6.84 -9.35 4.50
N VAL C 172 6.85 -8.40 5.43
CA VAL C 172 6.16 -7.14 5.16
C VAL C 172 6.92 -6.32 4.13
N ASP C 173 8.26 -6.41 4.12
CA ASP C 173 9.02 -5.78 3.05
C ASP C 173 8.68 -6.37 1.70
N LEU C 174 8.56 -7.70 1.62
CA LEU C 174 8.18 -8.35 0.38
C LEU C 174 6.80 -7.89 -0.07
N PHE C 175 5.85 -7.79 0.86
CA PHE C 175 4.51 -7.34 0.51
C PHE C 175 4.53 -5.91 -0.04
N VAL C 176 5.27 -5.03 0.63
CA VAL C 176 5.32 -3.62 0.21
C VAL C 176 5.95 -3.51 -1.17
N PHE C 177 7.05 -4.22 -1.40
CA PHE C 177 7.73 -4.14 -2.68
C PHE C 177 6.89 -4.74 -3.81
N SER C 178 6.19 -5.85 -3.53
CA SER C 178 5.33 -6.44 -4.55
C SER C 178 4.17 -5.51 -4.90
N THR C 179 3.59 -4.85 -3.89
CA THR C 179 2.50 -3.92 -4.19
C THR C 179 3.01 -2.71 -4.97
N SER C 180 4.21 -2.23 -4.66
CA SER C 180 4.78 -1.13 -5.43
C SER C 180 5.05 -1.54 -6.88
N PHE C 181 5.55 -2.76 -7.09
CA PHE C 181 5.78 -3.26 -8.44
C PHE C 181 4.47 -3.35 -9.22
N TYR C 182 3.42 -3.85 -8.57
CA TYR C 182 2.10 -3.90 -9.20
C TYR C 182 1.58 -2.50 -9.51
N LEU C 183 1.82 -1.53 -8.63
CA LEU C 183 1.37 -0.16 -8.88
C LEU C 183 2.10 0.45 -10.07
N ILE C 184 3.40 0.21 -10.20
CA ILE C 184 4.13 0.68 -11.38
C ILE C 184 3.55 0.03 -12.64
N SER C 185 3.23 -1.26 -12.58
CA SER C 185 2.67 -1.93 -13.74
C SER C 185 1.33 -1.31 -14.14
N ILE C 186 0.47 -1.02 -13.16
CA ILE C 186 -0.83 -0.45 -13.52
C ILE C 186 -0.67 0.99 -14.03
N PHE C 187 0.32 1.74 -13.55
CA PHE C 187 0.58 3.04 -14.15
C PHE C 187 1.00 2.90 -15.61
N LEU C 188 1.88 1.94 -15.90
CA LEU C 188 2.25 1.71 -17.29
C LEU C 188 1.04 1.37 -18.13
N HIS C 189 0.14 0.56 -17.59
CA HIS C 189 -1.06 0.20 -18.34
C HIS C 189 -1.94 1.42 -18.61
N LEU C 190 -2.14 2.27 -17.60
CA LEU C 190 -3.02 3.42 -17.75
C LEU C 190 -2.43 4.43 -18.74
N VAL C 191 -1.12 4.69 -18.65
CA VAL C 191 -0.53 5.75 -19.46
C VAL C 191 -0.50 5.39 -20.94
N LYS C 192 -0.68 4.11 -21.29
CA LYS C 192 -0.74 3.65 -22.68
C LYS C 192 0.54 3.99 -23.43
N ILE C 193 1.63 3.36 -22.98
CA ILE C 193 2.92 3.56 -23.66
C ILE C 193 2.81 3.08 -25.10
N PRO C 194 3.46 3.74 -26.06
CA PRO C 194 3.32 3.37 -27.46
C PRO C 194 4.35 2.31 -27.86
N THR C 195 4.11 1.72 -29.03
CA THR C 195 5.04 0.78 -29.65
C THR C 195 5.63 1.32 -30.94
N HIS C 196 4.79 1.74 -31.88
CA HIS C 196 5.17 2.31 -33.18
C HIS C 196 6.38 1.64 -33.81
N ASP D 149 11.20 -20.71 21.90
CA ASP D 149 10.03 -19.98 21.41
C ASP D 149 10.11 -18.51 21.78
N ASN D 150 10.79 -18.21 22.88
CA ASN D 150 11.15 -16.83 23.16
C ASN D 150 12.29 -16.37 22.28
N MET D 151 13.16 -17.29 21.88
CA MET D 151 14.28 -16.99 21.00
C MET D 151 13.79 -16.50 19.64
N ILE D 152 12.76 -17.16 19.09
CA ILE D 152 12.23 -16.78 17.79
C ILE D 152 11.64 -15.38 17.85
N THR D 153 10.82 -15.12 18.86
CA THR D 153 10.18 -13.81 18.96
C THR D 153 11.20 -12.72 19.21
N GLU D 154 12.20 -12.99 20.04
CA GLU D 154 13.23 -11.99 20.30
C GLU D 154 13.99 -11.65 19.03
N MET D 155 14.32 -12.65 18.22
CA MET D 155 15.04 -12.38 16.98
C MET D 155 14.20 -11.56 16.00
N LEU D 156 12.94 -11.94 15.83
CA LEU D 156 12.08 -11.21 14.89
C LEU D 156 11.86 -9.77 15.36
N GLN D 157 11.76 -9.58 16.67
CA GLN D 157 11.56 -8.25 17.21
C GLN D 157 12.85 -7.43 17.16
N LYS D 158 14.01 -8.08 17.24
CA LYS D 158 15.26 -7.36 17.06
C LYS D 158 15.38 -6.84 15.65
N GLU D 159 14.95 -7.63 14.66
CA GLU D 159 14.89 -7.15 13.28
C GLU D 159 14.02 -5.91 13.19
N TYR D 160 12.83 -5.96 13.80
CA TYR D 160 11.94 -4.80 13.76
C TYR D 160 12.56 -3.58 14.44
N MET D 161 13.21 -3.80 15.59
CA MET D 161 13.84 -2.71 16.32
C MET D 161 14.93 -2.03 15.48
N GLU D 162 15.76 -2.82 14.81
CA GLU D 162 16.80 -2.25 13.96
C GLU D 162 16.20 -1.45 12.81
N ARG D 163 15.15 -1.99 12.18
CA ARG D 163 14.51 -1.25 11.10
C ARG D 163 13.96 0.07 11.59
N GLN D 164 13.35 0.08 12.79
CA GLN D 164 12.81 1.32 13.33
C GLN D 164 13.91 2.31 13.69
N GLY D 165 15.08 1.81 14.11
CA GLY D 165 16.18 2.70 14.38
C GLY D 165 16.83 3.28 13.15
N LYS D 166 16.69 2.63 12.00
CA LYS D 166 17.32 3.12 10.77
C LYS D 166 16.38 3.85 9.83
N THR D 167 15.08 3.57 9.86
CA THR D 167 14.12 4.22 8.98
C THR D 167 13.20 5.12 9.79
N PRO D 168 13.15 6.42 9.53
CA PRO D 168 12.22 7.28 10.26
C PRO D 168 10.76 6.97 9.93
N LEU D 169 9.90 7.16 10.92
CA LEU D 169 8.47 6.94 10.72
C LEU D 169 7.87 7.96 9.76
N GLY D 170 8.45 9.16 9.69
CA GLY D 170 7.97 10.16 8.76
C GLY D 170 8.07 9.70 7.32
N LEU D 171 9.13 8.97 6.97
CA LEU D 171 9.25 8.45 5.62
C LEU D 171 8.20 7.39 5.33
N VAL D 172 7.90 6.54 6.31
CA VAL D 172 6.83 5.55 6.15
C VAL D 172 5.50 6.25 5.92
N ASP D 173 5.22 7.28 6.71
CA ASP D 173 3.98 8.03 6.54
C ASP D 173 3.91 8.71 5.19
N LEU D 174 5.01 9.29 4.74
CA LEU D 174 5.05 9.94 3.43
C LEU D 174 4.79 8.92 2.32
N PHE D 175 5.41 7.74 2.41
CA PHE D 175 5.21 6.72 1.40
C PHE D 175 3.76 6.24 1.37
N VAL D 176 3.16 6.02 2.54
CA VAL D 176 1.78 5.57 2.61
C VAL D 176 0.85 6.62 2.02
N PHE D 177 1.05 7.90 2.37
CA PHE D 177 0.17 8.95 1.87
C PHE D 177 0.35 9.16 0.37
N SER D 178 1.58 9.05 -0.14
CA SER D 178 1.80 9.15 -1.57
C SER D 178 1.11 8.00 -2.31
N THR D 179 1.20 6.79 -1.77
CA THR D 179 0.51 5.66 -2.40
C THR D 179 -1.00 5.87 -2.40
N SER D 180 -1.56 6.36 -1.30
CA SER D 180 -2.99 6.62 -1.26
C SER D 180 -3.39 7.70 -2.25
N PHE D 181 -2.58 8.74 -2.37
CA PHE D 181 -2.82 9.82 -3.33
C PHE D 181 -2.83 9.28 -4.76
N TYR D 182 -1.84 8.45 -5.10
CA TYR D 182 -1.77 7.86 -6.43
C TYR D 182 -2.95 6.93 -6.70
N LEU D 183 -3.37 6.17 -5.68
CA LEU D 183 -4.52 5.29 -5.84
C LEU D 183 -5.81 6.08 -6.08
N ILE D 184 -5.99 7.20 -5.36
CA ILE D 184 -7.14 8.05 -5.62
C ILE D 184 -7.08 8.60 -7.04
N SER D 185 -5.88 8.92 -7.51
CA SER D 185 -5.72 9.39 -8.88
C SER D 185 -6.19 8.34 -9.89
N ILE D 186 -5.76 7.10 -9.72
CA ILE D 186 -6.17 6.08 -10.68
C ILE D 186 -7.66 5.77 -10.56
N PHE D 187 -8.24 5.97 -9.38
CA PHE D 187 -9.69 5.87 -9.27
C PHE D 187 -10.37 6.94 -10.11
N LEU D 188 -9.94 8.19 -9.97
CA LEU D 188 -10.56 9.26 -10.74
C LEU D 188 -10.29 9.10 -12.23
N HIS D 189 -9.26 8.32 -12.58
CA HIS D 189 -9.08 7.98 -13.99
C HIS D 189 -10.10 6.93 -14.44
N LEU D 190 -10.39 5.93 -13.60
CA LEU D 190 -11.30 4.88 -14.02
C LEU D 190 -12.75 5.36 -14.12
N VAL D 191 -13.13 6.41 -13.39
CA VAL D 191 -14.52 6.86 -13.37
C VAL D 191 -14.87 7.78 -14.52
N LYS D 192 -13.92 8.09 -15.40
CA LYS D 192 -14.11 8.90 -16.60
C LYS D 192 -15.03 10.10 -16.36
N ILE D 193 -14.60 10.97 -15.45
CA ILE D 193 -15.36 12.17 -15.11
C ILE D 193 -15.35 13.14 -16.28
N PRO D 194 -16.51 13.44 -16.87
CA PRO D 194 -16.55 14.35 -18.02
C PRO D 194 -16.84 15.79 -17.63
N THR D 195 -16.36 16.70 -18.48
CA THR D 195 -16.69 18.11 -18.29
C THR D 195 -18.13 18.40 -18.72
N HIS D 196 -18.56 17.84 -19.85
CA HIS D 196 -19.89 18.04 -20.43
C HIS D 196 -20.45 19.45 -20.24
N GLY E 2 2.52 15.13 10.28
CA GLY E 2 2.94 14.45 11.50
C GLY E 2 4.44 14.48 11.72
N GLN E 3 5.07 13.31 11.57
CA GLN E 3 6.51 13.18 11.75
C GLN E 3 7.28 13.29 10.44
N ILE E 4 6.62 13.69 9.36
CA ILE E 4 7.30 13.89 8.09
C ILE E 4 8.33 15.00 8.21
N VAL E 5 8.02 16.03 9.01
CA VAL E 5 8.98 17.10 9.26
C VAL E 5 10.18 16.56 10.03
N THR E 6 9.96 15.63 10.95
CA THR E 6 11.06 15.00 11.66
C THR E 6 11.95 14.23 10.70
N PHE E 7 11.34 13.58 9.70
CA PHE E 7 12.11 12.92 8.66
C PHE E 7 12.94 13.94 7.87
N PHE E 8 12.34 15.09 7.53
CA PHE E 8 13.06 16.10 6.76
C PHE E 8 14.23 16.68 7.55
N GLN E 9 14.07 16.83 8.87
CA GLN E 9 15.14 17.42 9.68
C GLN E 9 16.38 16.53 9.68
N GLU E 10 16.19 15.21 9.72
CA GLU E 10 17.29 14.26 9.83
C GLU E 10 17.51 13.49 8.53
N VAL E 11 17.30 14.14 7.38
CA VAL E 11 17.54 13.49 6.09
C VAL E 11 18.98 13.05 5.91
N PRO E 12 20.00 13.89 6.15
CA PRO E 12 21.38 13.45 5.88
C PRO E 12 21.82 12.22 6.67
N HIS E 13 21.29 12.02 7.87
CA HIS E 13 21.76 10.94 8.74
C HIS E 13 21.13 9.60 8.42
N VAL E 14 20.17 9.53 7.50
CA VAL E 14 19.51 8.28 7.14
C VAL E 14 19.54 8.00 5.65
N ILE E 15 20.09 8.91 4.83
CA ILE E 15 20.13 8.70 3.39
C ILE E 15 21.10 7.59 3.00
N GLU E 16 22.00 7.19 3.90
CA GLU E 16 22.97 6.15 3.57
C GLU E 16 22.33 4.77 3.50
N GLU E 17 21.14 4.59 4.05
CA GLU E 17 20.44 3.31 3.96
C GLU E 17 19.74 3.21 2.61
N VAL E 18 19.87 2.05 1.96
CA VAL E 18 19.28 1.87 0.64
C VAL E 18 17.75 1.76 0.74
N MET E 19 17.24 1.23 1.85
CA MET E 19 15.80 1.16 2.05
C MET E 19 15.17 2.54 2.02
N ASN E 20 15.80 3.50 2.68
CA ASN E 20 15.27 4.86 2.71
C ASN E 20 15.32 5.49 1.33
N ILE E 21 16.38 5.23 0.56
CA ILE E 21 16.47 5.76 -0.79
C ILE E 21 15.35 5.19 -1.66
N VAL E 22 15.11 3.88 -1.55
CA VAL E 22 14.04 3.26 -2.33
C VAL E 22 12.69 3.82 -1.93
N LEU E 23 12.45 3.99 -0.62
CA LEU E 23 11.18 4.54 -0.17
C LEU E 23 10.97 5.96 -0.68
N ILE E 24 12.01 6.79 -0.63
CA ILE E 24 11.90 8.15 -1.12
C ILE E 24 11.62 8.17 -2.62
N ALA E 25 12.32 7.33 -3.39
CA ALA E 25 12.11 7.30 -4.82
C ALA E 25 10.71 6.82 -5.17
N LEU E 26 10.21 5.81 -4.45
CA LEU E 26 8.86 5.32 -4.69
C LEU E 26 7.82 6.38 -4.34
N SER E 27 8.02 7.12 -3.23
CA SER E 27 7.09 8.18 -2.88
C SER E 27 7.08 9.28 -3.94
N VAL E 28 8.25 9.66 -4.43
CA VAL E 28 8.32 10.70 -5.46
C VAL E 28 7.65 10.22 -6.74
N LEU E 29 7.89 8.97 -7.12
CA LEU E 29 7.25 8.42 -8.32
C LEU E 29 5.74 8.35 -8.16
N ALA E 30 5.26 7.95 -6.98
CA ALA E 30 3.82 7.90 -6.74
C ALA E 30 3.20 9.29 -6.83
N VAL E 31 3.86 10.29 -6.25
CA VAL E 31 3.35 11.65 -6.31
C VAL E 31 3.32 12.14 -7.75
N LEU E 32 4.38 11.86 -8.52
CA LEU E 32 4.41 12.29 -9.91
C LEU E 32 3.30 11.62 -10.72
N LYS E 33 3.11 10.31 -10.55
CA LYS E 33 2.07 9.61 -11.29
C LYS E 33 0.69 10.15 -10.92
N GLY E 34 0.47 10.36 -9.62
CA GLY E 34 -0.80 10.91 -9.17
C GLY E 34 -1.07 12.27 -9.78
N LEU E 35 -0.06 13.15 -9.75
CA LEU E 35 -0.22 14.48 -10.34
C LEU E 35 -0.54 14.40 -11.83
N TYR E 36 0.17 13.53 -12.55
CA TYR E 36 -0.11 13.33 -13.97
C TYR E 36 -1.57 12.93 -14.17
N ASN E 37 -2.00 11.89 -13.45
CA ASN E 37 -3.37 11.40 -13.59
C ASN E 37 -4.35 12.52 -13.26
N PHE E 38 -4.13 13.22 -12.15
CA PHE E 38 -5.06 14.25 -11.72
C PHE E 38 -5.17 15.36 -12.75
N ALA E 39 -4.06 15.73 -13.39
CA ALA E 39 -4.08 16.82 -14.34
C ALA E 39 -4.28 16.35 -15.77
N THR E 40 -4.65 15.09 -15.98
CA THR E 40 -4.98 14.66 -17.33
C THR E 40 -6.36 14.02 -17.42
N CYS E 41 -6.83 13.43 -16.31
CA CYS E 41 -8.10 12.71 -16.31
C CYS E 41 -9.28 13.65 -16.56
N GLY E 42 -9.25 14.84 -15.95
CA GLY E 42 -10.35 15.78 -16.13
C GLY E 42 -10.78 16.55 -14.90
N LEU E 43 -10.24 16.22 -13.73
CA LEU E 43 -10.62 16.91 -12.50
C LEU E 43 -10.38 18.41 -12.64
N VAL E 44 -9.17 18.78 -13.08
CA VAL E 44 -8.85 20.18 -13.26
C VAL E 44 -9.75 20.78 -14.32
N GLY E 45 -10.04 20.01 -15.37
CA GLY E 45 -10.96 20.48 -16.39
C GLY E 45 -12.31 20.78 -15.80
N LEU E 46 -12.78 19.95 -14.87
CA LEU E 46 -14.06 20.20 -14.20
C LEU E 46 -14.01 21.52 -13.45
N VAL E 47 -12.92 21.76 -12.73
CA VAL E 47 -12.80 23.00 -11.96
C VAL E 47 -12.84 24.19 -12.91
N THR E 48 -12.13 24.08 -14.05
CA THR E 48 -12.11 25.19 -14.99
C THR E 48 -13.49 25.38 -15.60
N PHE E 49 -14.19 24.29 -15.87
CA PHE E 49 -15.52 24.37 -16.47
C PHE E 49 -16.46 25.13 -15.55
N LEU E 50 -16.44 24.78 -14.25
CA LEU E 50 -17.35 25.42 -13.32
C LEU E 50 -16.98 26.89 -13.13
N LEU E 51 -15.69 27.21 -13.10
CA LEU E 51 -15.31 28.62 -13.00
C LEU E 51 -15.72 29.39 -14.26
N LEU E 52 -15.57 28.77 -15.44
CA LEU E 52 -15.99 29.37 -16.69
C LEU E 52 -17.48 29.70 -16.66
N CYS E 53 -18.28 28.79 -16.10
CA CYS E 53 -19.71 29.06 -15.96
C CYS E 53 -19.95 30.30 -15.11
N GLY E 54 -19.18 30.45 -14.03
CA GLY E 54 -19.27 31.62 -13.18
C GLY E 54 -19.00 32.92 -13.90
N GLY F 2 18.05 -7.63 1.99
CA GLY F 2 18.09 -7.40 3.42
C GLY F 2 17.80 -8.65 4.23
N GLN F 3 16.67 -8.62 4.95
CA GLN F 3 16.26 -9.75 5.78
C GLN F 3 15.17 -10.58 5.13
N ILE F 4 14.94 -10.41 3.83
CA ILE F 4 14.03 -11.32 3.12
C ILE F 4 14.57 -12.74 3.17
N VAL F 5 15.89 -12.89 3.08
CA VAL F 5 16.51 -14.20 3.29
C VAL F 5 16.23 -14.71 4.70
N THR F 6 16.20 -13.81 5.68
CA THR F 6 15.76 -14.20 7.03
C THR F 6 14.34 -14.75 7.01
N PHE F 7 13.43 -14.08 6.30
CA PHE F 7 12.08 -14.58 6.15
C PHE F 7 12.06 -15.95 5.49
N PHE F 8 12.98 -16.20 4.55
CA PHE F 8 13.05 -17.52 3.93
C PHE F 8 13.59 -18.56 4.89
N GLN F 9 14.49 -18.15 5.79
CA GLN F 9 15.01 -19.06 6.80
C GLN F 9 13.98 -19.35 7.89
N GLU F 10 12.99 -18.48 8.02
CA GLU F 10 11.97 -18.58 9.07
C GLU F 10 10.66 -19.15 8.55
N VAL F 11 10.64 -19.69 7.33
CA VAL F 11 9.38 -20.17 6.75
C VAL F 11 8.74 -21.27 7.60
N PRO F 12 9.42 -22.35 7.96
CA PRO F 12 8.74 -23.40 8.74
C PRO F 12 8.28 -22.93 10.11
N HIS F 13 8.97 -21.94 10.68
CA HIS F 13 8.74 -21.58 12.08
C HIS F 13 7.46 -20.77 12.26
N VAL F 14 7.14 -19.90 11.31
CA VAL F 14 6.00 -18.99 11.45
C VAL F 14 5.05 -19.11 10.26
N ILE F 15 5.00 -20.30 9.65
CA ILE F 15 4.06 -20.49 8.55
C ILE F 15 2.65 -20.78 9.06
N GLU F 16 2.48 -21.13 10.33
CA GLU F 16 1.17 -21.49 10.84
C GLU F 16 0.28 -20.28 11.07
N GLU F 17 0.84 -19.08 11.14
CA GLU F 17 0.02 -17.89 11.33
C GLU F 17 -0.79 -17.61 10.06
N VAL F 18 -2.09 -17.38 10.23
CA VAL F 18 -2.93 -17.09 9.08
C VAL F 18 -2.60 -15.73 8.49
N MET F 19 -2.18 -14.78 9.33
CA MET F 19 -1.77 -13.47 8.83
C MET F 19 -0.60 -13.60 7.87
N ASN F 20 0.38 -14.45 8.21
CA ASN F 20 1.53 -14.64 7.33
C ASN F 20 1.14 -15.31 6.03
N ILE F 21 0.21 -16.28 6.10
CA ILE F 21 -0.27 -16.93 4.88
C ILE F 21 -0.95 -15.91 3.98
N VAL F 22 -1.79 -15.05 4.55
CA VAL F 22 -2.47 -14.03 3.76
C VAL F 22 -1.46 -13.06 3.16
N LEU F 23 -0.45 -12.66 3.93
CA LEU F 23 0.56 -11.75 3.41
C LEU F 23 1.33 -12.37 2.25
N ILE F 24 1.71 -13.64 2.38
CA ILE F 24 2.44 -14.32 1.31
C ILE F 24 1.57 -14.43 0.07
N ALA F 25 0.30 -14.80 0.24
CA ALA F 25 -0.59 -14.93 -0.89
C ALA F 25 -0.79 -13.59 -1.58
N LEU F 26 -0.98 -12.52 -0.81
CA LEU F 26 -1.13 -11.19 -1.40
C LEU F 26 0.12 -10.77 -2.15
N SER F 27 1.30 -11.02 -1.59
CA SER F 27 2.52 -10.64 -2.28
C SER F 27 2.68 -11.41 -3.60
N VAL F 28 2.44 -12.71 -3.58
CA VAL F 28 2.59 -13.51 -4.79
C VAL F 28 1.56 -13.10 -5.84
N LEU F 29 0.32 -12.82 -5.41
CA LEU F 29 -0.72 -12.37 -6.33
C LEU F 29 -0.35 -11.04 -6.96
N ALA F 30 0.12 -10.09 -6.13
CA ALA F 30 0.54 -8.78 -6.64
C ALA F 30 1.62 -8.94 -7.68
N VAL F 31 2.63 -9.77 -7.38
CA VAL F 31 3.74 -9.96 -8.32
C VAL F 31 3.24 -10.55 -9.63
N LEU F 32 2.28 -11.47 -9.56
CA LEU F 32 1.78 -12.09 -10.79
C LEU F 32 0.98 -11.09 -11.61
N LYS F 33 0.11 -10.31 -10.95
CA LYS F 33 -0.64 -9.27 -11.66
C LYS F 33 0.31 -8.25 -12.28
N GLY F 34 1.38 -7.91 -11.56
CA GLY F 34 2.35 -6.98 -12.09
C GLY F 34 3.03 -7.53 -13.33
N LEU F 35 3.46 -8.79 -13.29
CA LEU F 35 4.09 -9.40 -14.46
C LEU F 35 3.13 -9.45 -15.64
N TYR F 36 1.85 -9.76 -15.36
CA TYR F 36 0.86 -9.78 -16.42
C TYR F 36 0.78 -8.41 -17.09
N ASN F 37 0.68 -7.36 -16.28
CA ASN F 37 0.63 -6.02 -16.86
C ASN F 37 1.93 -5.70 -17.60
N PHE F 38 3.07 -6.02 -17.01
CA PHE F 38 4.36 -5.72 -17.63
C PHE F 38 4.57 -6.51 -18.91
N ALA F 39 3.69 -7.46 -19.21
CA ALA F 39 3.82 -8.27 -20.40
C ALA F 39 2.69 -8.03 -21.39
N THR F 40 1.62 -7.35 -20.97
CA THR F 40 0.48 -7.08 -21.83
C THR F 40 0.29 -5.59 -22.12
N CYS F 41 0.89 -4.72 -21.30
CA CYS F 41 0.71 -3.28 -21.47
C CYS F 41 1.22 -2.80 -22.82
N GLY F 42 2.31 -3.38 -23.31
CA GLY F 42 2.91 -2.94 -24.55
C GLY F 42 4.39 -2.67 -24.43
N LEU F 43 4.93 -2.88 -23.22
CA LEU F 43 6.37 -2.76 -23.01
C LEU F 43 7.11 -3.69 -23.95
N VAL F 44 6.67 -4.95 -24.01
CA VAL F 44 7.27 -5.93 -24.90
C VAL F 44 7.16 -5.45 -26.34
N GLY F 45 6.00 -4.91 -26.72
CA GLY F 45 5.82 -4.44 -28.07
C GLY F 45 6.84 -3.38 -28.44
N LEU F 46 7.04 -2.41 -27.54
CA LEU F 46 8.01 -1.35 -27.80
C LEU F 46 9.41 -1.90 -27.92
N VAL F 47 9.81 -2.79 -26.99
CA VAL F 47 11.18 -3.29 -27.06
C VAL F 47 11.38 -4.18 -28.29
N THR F 48 10.35 -4.90 -28.72
CA THR F 48 10.47 -5.69 -29.95
C THR F 48 10.60 -4.79 -31.16
N PHE F 49 9.85 -3.68 -31.19
CA PHE F 49 10.02 -2.73 -32.29
C PHE F 49 11.43 -2.14 -32.28
N LEU F 50 11.96 -1.89 -31.08
CA LEU F 50 13.33 -1.40 -30.96
C LEU F 50 14.31 -2.39 -31.57
N LEU F 51 14.14 -3.67 -31.25
CA LEU F 51 15.00 -4.70 -31.83
C LEU F 51 14.81 -4.79 -33.34
N LEU F 52 13.55 -4.66 -33.79
CA LEU F 52 13.25 -4.67 -35.22
C LEU F 52 14.05 -3.60 -35.94
N CYS F 53 14.10 -2.39 -35.37
CA CYS F 53 14.90 -1.32 -35.96
C CYS F 53 16.38 -1.68 -35.98
N GLY F 54 16.88 -2.27 -34.90
CA GLY F 54 18.27 -2.67 -34.82
C GLY F 54 18.64 -3.34 -33.51
#